data_4AWN
#
_entry.id   4AWN
#
_cell.length_a   41.960
_cell.length_b   58.660
_cell.length_c   96.430
_cell.angle_alpha   90.00
_cell.angle_beta   90.00
_cell.angle_gamma   90.00
#
_symmetry.space_group_name_H-M   'P 21 21 21'
#
loop_
_entity.id
_entity.type
_entity.pdbx_description
1 polymer DEOXYRIBONUCLEASE-1
2 branched 2-acetamido-2-deoxy-beta-D-glucopyranose-(1-4)-2-acetamido-2-deoxy-beta-D-glucopyranose
3 non-polymer 'CALCIUM ION'
4 non-polymer 'MAGNESIUM ION'
5 non-polymer 'PHOSPHATE ION'
6 non-polymer 2-[BIS-(2-HYDROXY-ETHYL)-AMINO]-2-HYDROXYMETHYL-PROPANE-1,3-DIOL
7 non-polymer 2-acetamido-2-deoxy-beta-D-glucopyranose
8 water water
#
_entity_poly.entity_id   1
_entity_poly.type   'polypeptide(L)'
_entity_poly.pdbx_seq_one_letter_code
;LKIAAFNIQTFGETKMSNATLVSYIVQILSRYDIALVQEVRDSHLTAVGKLLDNLNQDAPDTYHYVVSEPLGRNSYKERY
LFVYRPDQVSAVDSYYYDDGCEPCGNDTFNREPAIVRFFSRFTEVREFAIVPLHAAPGDAVAEIDALYDVYLDVQEKWGL
EDVMLMGDFNAGCSYVRPSQWSSIRLWTSPTFQWLIPDSADTTATPTHCAYDRIVVAGMLLRGAVVPDSALPFNFQAAYG
LSDQLAQAISDHYPVEVMLK
;
_entity_poly.pdbx_strand_id   A
#
# COMPACT_ATOMS: atom_id res chain seq x y z
N LEU A 1 13.19 -10.97 -0.77
CA LEU A 1 11.74 -10.90 -0.42
C LEU A 1 11.07 -9.76 -1.18
N LYS A 2 9.84 -9.97 -1.64
CA LYS A 2 9.20 -9.02 -2.56
C LYS A 2 7.91 -8.45 -1.98
N ILE A 3 7.82 -7.13 -1.97
CA ILE A 3 6.73 -6.42 -1.30
C ILE A 3 6.12 -5.44 -2.28
N ALA A 4 4.79 -5.36 -2.32
CA ALA A 4 4.09 -4.44 -3.24
C ALA A 4 2.91 -3.73 -2.57
N ALA A 5 2.57 -2.54 -3.09
CA ALA A 5 1.37 -1.83 -2.70
C ALA A 5 0.54 -1.60 -3.96
N PHE A 6 -0.72 -2.01 -3.97
CA PHE A 6 -1.54 -1.98 -5.19
C PHE A 6 -2.91 -1.39 -4.90
N ASN A 7 -3.18 -0.21 -5.44
CA ASN A 7 -4.55 0.31 -5.47
C ASN A 7 -5.28 -0.37 -6.63
N ILE A 8 -6.28 -1.18 -6.29
CA ILE A 8 -7.12 -1.85 -7.28
C ILE A 8 -8.45 -1.11 -7.26
N GLN A 9 -8.67 -0.30 -8.30
CA GLN A 9 -9.80 0.64 -8.36
C GLN A 9 -11.11 -0.04 -7.98
N THR A 10 -11.78 0.54 -6.97
CA THR A 10 -13.04 0.04 -6.38
C THR A 10 -13.15 -1.49 -6.35
N PHE A 11 -12.10 -2.13 -5.82
CA PHE A 11 -12.04 -3.58 -5.71
C PHE A 11 -13.20 -4.04 -4.85
N GLY A 12 -13.82 -5.16 -5.23
CA GLY A 12 -14.93 -5.71 -4.47
C GLY A 12 -15.65 -6.77 -5.27
N GLU A 13 -16.93 -6.95 -5.00
CA GLU A 13 -17.69 -8.01 -5.62
C GLU A 13 -17.64 -8.03 -7.15
N THR A 14 -17.75 -6.86 -7.77
CA THR A 14 -17.80 -6.77 -9.24
C THR A 14 -16.55 -7.37 -9.90
N LYS A 15 -15.36 -6.91 -9.49
CA LYS A 15 -14.14 -7.47 -10.09
C LYS A 15 -13.96 -8.94 -9.75
N MET A 16 -14.28 -9.30 -8.51
CA MET A 16 -14.11 -10.66 -8.04
C MET A 16 -15.11 -11.65 -8.63
N SER A 17 -16.17 -11.16 -9.25
CA SER A 17 -17.15 -12.02 -9.92
CA SER A 17 -17.14 -12.03 -9.92
C SER A 17 -16.89 -12.11 -11.42
N ASN A 18 -15.81 -11.43 -11.86
CA ASN A 18 -15.39 -11.47 -13.27
C ASN A 18 -14.12 -12.32 -13.41
N ALA A 19 -14.28 -13.52 -13.96
CA ALA A 19 -13.19 -14.48 -14.07
C ALA A 19 -11.93 -13.95 -14.78
N THR A 20 -12.12 -13.12 -15.79
CA THR A 20 -10.97 -12.56 -16.52
C THR A 20 -10.17 -11.63 -15.62
N LEU A 21 -10.86 -10.75 -14.92
CA LEU A 21 -10.19 -9.76 -14.06
C LEU A 21 -9.55 -10.45 -12.86
N VAL A 22 -10.28 -11.39 -12.25
CA VAL A 22 -9.74 -12.24 -11.18
C VAL A 22 -8.42 -12.88 -11.59
N SER A 23 -8.42 -13.44 -12.79
CA SER A 23 -7.24 -14.12 -13.33
C SER A 23 -6.00 -13.23 -13.29
N TYR A 24 -6.16 -11.99 -13.77
CA TYR A 24 -5.04 -11.06 -13.78
C TYR A 24 -4.71 -10.54 -12.37
N ILE A 25 -5.73 -10.22 -11.58
CA ILE A 25 -5.51 -9.70 -10.22
C ILE A 25 -4.68 -10.72 -9.41
N VAL A 26 -5.08 -11.97 -9.51
CA VAL A 26 -4.35 -13.08 -8.90
C VAL A 26 -2.93 -13.20 -9.43
N GLN A 27 -2.76 -13.07 -10.75
CA GLN A 27 -1.43 -13.20 -11.34
C GLN A 27 -0.49 -12.09 -10.85
N ILE A 28 -0.98 -10.86 -10.78
CA ILE A 28 -0.21 -9.75 -10.24
C ILE A 28 0.14 -9.98 -8.75
N LEU A 29 -0.86 -10.23 -7.94
CA LEU A 29 -0.64 -10.36 -6.47
C LEU A 29 0.29 -11.53 -6.13
N SER A 30 0.25 -12.60 -6.94
CA SER A 30 1.05 -13.79 -6.69
C SER A 30 2.52 -13.58 -6.91
N ARG A 31 2.90 -12.46 -7.51
CA ARG A 31 4.31 -12.09 -7.61
C ARG A 31 4.97 -11.81 -6.26
N TYR A 32 4.16 -11.50 -5.24
CA TYR A 32 4.69 -10.85 -4.04
C TYR A 32 4.56 -11.71 -2.80
N ASP A 33 5.53 -11.53 -1.89
CA ASP A 33 5.51 -12.18 -0.58
C ASP A 33 4.59 -11.44 0.39
N ILE A 34 4.46 -10.12 0.20
CA ILE A 34 3.48 -9.29 0.93
C ILE A 34 2.90 -8.31 -0.08
N ALA A 35 1.59 -8.17 -0.09
CA ALA A 35 0.97 -7.17 -0.96
C ALA A 35 -0.12 -6.43 -0.22
N LEU A 36 0.02 -5.10 -0.16
CA LEU A 36 -1.05 -4.23 0.28
C LEU A 36 -2.00 -3.96 -0.85
N VAL A 37 -3.28 -4.18 -0.58
CA VAL A 37 -4.35 -3.87 -1.55
C VAL A 37 -5.23 -2.78 -0.94
N GLN A 38 -5.49 -1.75 -1.74
CA GLN A 38 -6.24 -0.58 -1.31
C GLN A 38 -7.47 -0.44 -2.19
N GLU A 39 -8.40 0.40 -1.72
CA GLU A 39 -9.70 0.61 -2.36
C GLU A 39 -10.60 -0.63 -2.27
N VAL A 40 -10.49 -1.35 -1.16
CA VAL A 40 -11.31 -2.52 -0.94
C VAL A 40 -12.65 -2.01 -0.43
N ARG A 41 -13.66 -2.09 -1.29
CA ARG A 41 -15.06 -1.71 -0.97
C ARG A 41 -15.84 -3.02 -0.85
N ASP A 42 -15.93 -3.56 0.38
CA ASP A 42 -16.35 -4.94 0.61
C ASP A 42 -16.85 -5.01 2.04
N SER A 43 -18.10 -4.57 2.24
CA SER A 43 -18.61 -4.36 3.58
C SER A 43 -18.77 -5.66 4.35
N HIS A 44 -19.03 -6.77 3.66
CA HIS A 44 -19.15 -8.08 4.31
C HIS A 44 -17.99 -9.01 4.08
N LEU A 45 -16.87 -8.49 3.57
CA LEU A 45 -15.66 -9.31 3.34
C LEU A 45 -15.81 -10.50 2.39
N THR A 46 -16.90 -10.53 1.61
CA THR A 46 -17.09 -11.65 0.67
C THR A 46 -16.14 -11.59 -0.54
N ALA A 47 -15.84 -10.39 -1.05
CA ALA A 47 -14.86 -10.25 -2.15
C ALA A 47 -13.47 -10.68 -1.71
N VAL A 48 -13.08 -10.27 -0.51
CA VAL A 48 -11.80 -10.67 0.08
C VAL A 48 -11.70 -12.19 0.19
N GLY A 49 -12.77 -12.82 0.68
CA GLY A 49 -12.89 -14.28 0.72
C GLY A 49 -12.72 -14.92 -0.65
N LYS A 50 -13.39 -14.38 -1.68
CA LYS A 50 -13.16 -14.88 -3.05
C LYS A 50 -11.71 -14.69 -3.49
N LEU A 51 -11.12 -13.54 -3.16
CA LEU A 51 -9.72 -13.31 -3.56
C LEU A 51 -8.78 -14.39 -3.01
N LEU A 52 -8.86 -14.62 -1.70
CA LEU A 52 -8.04 -15.64 -1.05
C LEU A 52 -8.25 -17.06 -1.61
N ASP A 53 -9.50 -17.40 -1.90
CA ASP A 53 -9.82 -18.70 -2.52
C ASP A 53 -9.11 -18.86 -3.85
N ASN A 54 -9.09 -17.77 -4.62
CA ASN A 54 -8.39 -17.78 -5.88
C ASN A 54 -6.86 -17.80 -5.72
N LEU A 55 -6.36 -17.00 -4.77
CA LEU A 55 -4.94 -17.02 -4.42
C LEU A 55 -4.46 -18.39 -3.94
N ASN A 56 -5.37 -19.14 -3.31
CA ASN A 56 -5.04 -20.43 -2.70
C ASN A 56 -5.57 -21.61 -3.53
N GLN A 57 -5.86 -21.35 -4.79
CA GLN A 57 -6.56 -22.29 -5.68
C GLN A 57 -5.93 -23.67 -5.76
N ASP A 58 -4.62 -23.75 -5.92
CA ASP A 58 -4.00 -25.07 -6.01
C ASP A 58 -3.17 -25.50 -4.80
N ALA A 59 -3.15 -24.67 -3.75
CA ALA A 59 -2.60 -25.08 -2.48
C ALA A 59 -3.14 -24.21 -1.36
N PRO A 60 -3.85 -24.84 -0.40
CA PRO A 60 -4.24 -24.14 0.82
C PRO A 60 -3.02 -23.44 1.42
N ASP A 61 -3.29 -22.33 2.11
CA ASP A 61 -2.25 -21.58 2.84
C ASP A 61 -1.11 -21.00 2.00
N THR A 62 -1.30 -20.93 0.69
CA THR A 62 -0.38 -20.18 -0.16
C THR A 62 -0.38 -18.72 0.30
N TYR A 63 -1.57 -18.16 0.54
CA TYR A 63 -1.72 -16.81 1.10
C TYR A 63 -2.60 -16.75 2.34
N HIS A 64 -2.13 -16.05 3.36
CA HIS A 64 -3.03 -15.62 4.43
C HIS A 64 -3.30 -14.10 4.29
N TYR A 65 -4.12 -13.53 5.16
CA TYR A 65 -4.37 -12.09 5.08
C TYR A 65 -4.66 -11.48 6.44
N VAL A 66 -4.53 -10.16 6.52
CA VAL A 66 -5.04 -9.31 7.58
C VAL A 66 -5.83 -8.21 6.86
N VAL A 67 -7.00 -7.85 7.36
CA VAL A 67 -7.80 -6.80 6.71
C VAL A 67 -8.34 -5.81 7.73
N SER A 68 -8.29 -4.51 7.42
CA SER A 68 -8.78 -3.49 8.35
C SER A 68 -10.29 -3.42 8.24
N GLU A 69 -10.95 -2.80 9.22
CA GLU A 69 -12.36 -2.43 9.08
CA GLU A 69 -12.36 -2.46 9.07
C GLU A 69 -12.49 -1.36 7.99
N PRO A 70 -13.72 -1.10 7.49
CA PRO A 70 -13.89 -0.01 6.49
C PRO A 70 -13.51 1.33 7.08
N LEU A 71 -12.74 2.11 6.34
CA LEU A 71 -12.26 3.43 6.78
C LEU A 71 -12.68 4.52 5.82
N GLY A 72 -12.93 5.71 6.35
CA GLY A 72 -13.36 6.84 5.53
C GLY A 72 -14.35 7.69 6.30
N ARG A 73 -14.37 8.98 6.02
CA ARG A 73 -15.23 9.90 6.78
C ARG A 73 -16.74 9.76 6.44
N ASN A 74 -17.02 9.26 5.24
CA ASN A 74 -18.39 8.94 4.79
C ASN A 74 -18.33 7.84 3.71
N SER A 75 -19.44 7.60 3.02
CA SER A 75 -19.44 6.69 1.85
C SER A 75 -18.55 7.25 0.73
N TYR A 76 -17.72 6.42 0.10
CA TYR A 76 -17.62 4.98 0.37
C TYR A 76 -16.36 4.68 1.17
N LYS A 77 -16.50 3.83 2.17
CA LYS A 77 -15.36 3.47 3.01
C LYS A 77 -14.57 2.35 2.37
N GLU A 78 -13.27 2.28 2.69
CA GLU A 78 -12.35 1.36 2.07
C GLU A 78 -11.53 0.65 3.14
N ARG A 79 -11.27 -0.63 2.94
CA ARG A 79 -10.39 -1.38 3.81
C ARG A 79 -8.97 -1.40 3.25
N TYR A 80 -8.01 -1.46 4.16
CA TYR A 80 -6.65 -1.80 3.77
C TYR A 80 -6.54 -3.31 3.95
N LEU A 81 -6.10 -3.99 2.89
CA LEU A 81 -5.91 -5.44 2.93
C LEU A 81 -4.44 -5.80 2.73
N PHE A 82 -3.89 -6.63 3.62
CA PHE A 82 -2.58 -7.21 3.36
C PHE A 82 -2.71 -8.72 3.13
N VAL A 83 -2.32 -9.18 1.94
CA VAL A 83 -2.14 -10.59 1.67
C VAL A 83 -0.64 -10.91 1.74
N TYR A 84 -0.30 -12.09 2.25
CA TYR A 84 1.12 -12.45 2.44
C TYR A 84 1.29 -13.95 2.42
N ARG A 85 2.48 -14.40 2.06
CA ARG A 85 2.78 -15.82 1.98
C ARG A 85 3.26 -16.22 3.39
N PRO A 86 2.44 -17.03 4.11
CA PRO A 86 2.76 -17.26 5.53
C PRO A 86 4.00 -18.16 5.74
N ASP A 87 4.50 -18.79 4.69
CA ASP A 87 5.72 -19.57 4.78
C ASP A 87 6.92 -18.65 4.70
N GLN A 88 6.70 -17.42 4.25
CA GLN A 88 7.76 -16.43 4.04
C GLN A 88 7.82 -15.40 5.15
N VAL A 89 6.63 -14.95 5.58
CA VAL A 89 6.50 -13.92 6.60
C VAL A 89 5.33 -14.23 7.52
N SER A 90 5.30 -13.58 8.68
CA SER A 90 4.20 -13.73 9.62
C SER A 90 3.67 -12.32 9.94
N ALA A 91 2.36 -12.12 9.88
CA ALA A 91 1.76 -10.86 10.31
C ALA A 91 1.56 -10.97 11.81
N VAL A 92 2.35 -10.22 12.55
CA VAL A 92 2.38 -10.39 14.02
CA VAL A 92 2.43 -10.33 14.03
C VAL A 92 1.20 -9.71 14.72
N ASP A 93 1.00 -8.42 14.48
CA ASP A 93 -0.15 -7.74 15.08
C ASP A 93 -0.37 -6.45 14.31
N SER A 94 -1.34 -5.66 14.73
CA SER A 94 -1.72 -4.46 14.00
C SER A 94 -2.45 -3.52 14.94
N TYR A 95 -2.51 -2.24 14.58
CA TYR A 95 -3.35 -1.29 15.29
C TYR A 95 -3.79 -0.14 14.38
N TYR A 96 -4.89 0.52 14.73
CA TYR A 96 -5.36 1.68 13.99
C TYR A 96 -4.71 2.93 14.51
N TYR A 97 -4.10 3.71 13.62
CA TYR A 97 -3.54 5.00 14.03
C TYR A 97 -4.64 5.94 14.52
N ASP A 98 -4.37 6.62 15.65
CA ASP A 98 -5.27 7.63 16.24
C ASP A 98 -4.99 8.96 15.56
N ASP A 99 -5.85 9.32 14.61
CA ASP A 99 -5.67 10.56 13.83
C ASP A 99 -6.45 11.75 14.42
N GLY A 100 -6.79 11.66 15.71
CA GLY A 100 -7.52 12.73 16.37
C GLY A 100 -9.01 12.49 16.35
N CYS A 101 -9.79 13.58 16.35
CA CYS A 101 -11.23 13.48 16.65
C CYS A 101 -12.14 13.52 15.41
N GLU A 102 -12.66 12.37 14.98
CA GLU A 102 -13.46 12.30 13.74
C GLU A 102 -14.80 13.02 13.85
N PRO A 103 -15.62 12.66 14.88
CA PRO A 103 -16.89 13.35 15.07
C PRO A 103 -16.78 14.87 15.00
N CYS A 104 -15.62 15.41 15.39
CA CYS A 104 -15.33 16.85 15.31
C CYS A 104 -15.09 17.42 13.92
N GLY A 105 -14.91 16.55 12.91
CA GLY A 105 -14.41 16.99 11.58
C GLY A 105 -13.03 17.63 11.70
N ASN A 106 -12.16 16.96 12.46
CA ASN A 106 -10.91 17.51 12.99
C ASN A 106 -9.72 16.59 12.67
N ASP A 107 -10.04 15.34 12.39
CA ASP A 107 -9.08 14.24 12.31
C ASP A 107 -8.18 14.39 11.10
N THR A 108 -6.97 13.82 11.16
CA THR A 108 -5.97 14.12 10.15
C THR A 108 -6.00 13.27 8.88
N PHE A 109 -6.62 12.10 8.90
CA PHE A 109 -6.65 11.25 7.69
C PHE A 109 -8.08 10.90 7.30
N ASN A 110 -8.37 10.90 6.01
CA ASN A 110 -9.60 10.26 5.54
C ASN A 110 -9.59 8.77 5.92
N ARG A 111 -8.49 8.07 5.56
CA ARG A 111 -8.34 6.65 5.85
C ARG A 111 -7.07 6.46 6.66
N GLU A 112 -7.17 6.72 7.96
CA GLU A 112 -6.02 6.61 8.86
C GLU A 112 -5.43 5.22 8.74
N PRO A 113 -4.10 5.14 8.78
CA PRO A 113 -3.44 3.87 8.52
C PRO A 113 -3.85 2.76 9.51
N ALA A 114 -4.07 1.56 8.98
CA ALA A 114 -4.16 0.37 9.82
C ALA A 114 -2.80 -0.31 9.68
N ILE A 115 -1.99 -0.17 10.70
CA ILE A 115 -0.55 -0.48 10.64
C ILE A 115 -0.37 -1.95 10.99
N VAL A 116 0.45 -2.67 10.22
CA VAL A 116 0.65 -4.10 10.47
C VAL A 116 2.15 -4.35 10.69
N ARG A 117 2.46 -5.14 11.73
CA ARG A 117 3.84 -5.50 12.03
C ARG A 117 4.13 -6.89 11.48
N PHE A 118 5.28 -7.01 10.80
CA PHE A 118 5.68 -8.28 10.19
C PHE A 118 6.95 -8.84 10.79
N PHE A 119 7.03 -10.17 10.78
CA PHE A 119 8.26 -10.89 11.08
C PHE A 119 8.65 -11.67 9.84
N SER A 120 9.92 -11.58 9.50
CA SER A 120 10.43 -12.04 8.22
C SER A 120 11.81 -12.68 8.43
N ARG A 121 11.85 -14.01 8.39
CA ARG A 121 13.09 -14.73 8.69
C ARG A 121 14.11 -14.68 7.58
N PHE A 122 13.66 -14.40 6.35
CA PHE A 122 14.60 -14.47 5.23
C PHE A 122 15.30 -13.19 4.88
N THR A 123 14.99 -12.12 5.58
CA THR A 123 15.62 -10.85 5.27
C THR A 123 16.53 -10.37 6.38
N GLU A 124 17.40 -9.43 6.02
CA GLU A 124 18.33 -8.78 6.94
C GLU A 124 17.61 -8.06 8.08
N VAL A 125 16.41 -7.56 7.83
CA VAL A 125 15.58 -6.99 8.89
C VAL A 125 14.54 -8.05 9.22
N ARG A 126 14.45 -8.43 10.48
CA ARG A 126 13.51 -9.46 10.93
C ARG A 126 12.14 -8.90 11.28
N GLU A 127 12.15 -7.75 11.93
CA GLU A 127 10.93 -7.11 12.45
C GLU A 127 10.80 -5.75 11.77
N PHE A 128 9.68 -5.54 11.08
CA PHE A 128 9.38 -4.22 10.52
C PHE A 128 7.88 -4.04 10.41
N ALA A 129 7.46 -2.79 10.33
CA ALA A 129 6.03 -2.47 10.18
C ALA A 129 5.76 -1.87 8.80
N ILE A 130 4.54 -2.07 8.29
CA ILE A 130 4.11 -1.35 7.12
C ILE A 130 2.94 -0.43 7.52
N VAL A 131 3.10 0.85 7.25
CA VAL A 131 2.01 1.84 7.43
C VAL A 131 1.42 2.03 6.01
N PRO A 132 0.16 1.62 5.80
CA PRO A 132 -0.48 1.80 4.49
C PRO A 132 -1.12 3.19 4.37
N LEU A 133 -1.12 3.80 3.18
CA LEU A 133 -1.94 5.00 3.01
C LEU A 133 -2.49 5.17 1.58
N HIS A 134 -3.80 5.23 1.48
CA HIS A 134 -4.48 5.78 0.33
C HIS A 134 -4.94 7.20 0.71
N ALA A 135 -4.13 8.21 0.36
CA ALA A 135 -4.39 9.61 0.76
C ALA A 135 -5.61 10.16 0.02
N ALA A 136 -6.39 11.00 0.69
CA ALA A 136 -7.39 11.80 -0.02
C ALA A 136 -6.65 12.79 -0.93
N PRO A 137 -6.95 12.74 -2.24
CA PRO A 137 -6.16 13.51 -3.20
C PRO A 137 -6.22 15.02 -2.94
N GLY A 138 -7.36 15.49 -2.44
CA GLY A 138 -7.55 16.90 -2.13
C GLY A 138 -6.86 17.34 -0.86
N ASP A 139 -6.34 16.40 -0.09
CA ASP A 139 -5.63 16.75 1.14
C ASP A 139 -4.26 16.05 1.20
N ALA A 140 -3.72 15.72 0.03
CA ALA A 140 -2.52 14.89 -0.08
C ALA A 140 -1.34 15.46 0.67
N VAL A 141 -1.11 16.79 0.58
CA VAL A 141 0.08 17.36 1.24
C VAL A 141 0.00 17.15 2.76
N ALA A 142 -1.17 17.44 3.34
CA ALA A 142 -1.33 17.34 4.80
C ALA A 142 -1.30 15.87 5.26
N GLU A 143 -1.84 14.98 4.45
CA GLU A 143 -1.88 13.58 4.85
C GLU A 143 -0.50 12.94 4.76
N ILE A 144 0.22 13.19 3.67
CA ILE A 144 1.61 12.70 3.59
C ILE A 144 2.45 13.28 4.73
N ASP A 145 2.32 14.59 4.95
CA ASP A 145 3.03 15.23 6.06
C ASP A 145 2.74 14.51 7.39
N ALA A 146 1.47 14.21 7.63
CA ALA A 146 1.00 13.58 8.87
C ALA A 146 1.58 12.20 9.12
N LEU A 147 2.00 11.51 8.04
CA LEU A 147 2.71 10.22 8.15
C LEU A 147 3.99 10.33 9.01
N TYR A 148 4.59 11.52 9.05
CA TYR A 148 5.70 11.79 9.96
C TYR A 148 5.30 11.48 11.42
N ASP A 149 4.14 11.96 11.81
CA ASP A 149 3.62 11.70 13.14
C ASP A 149 3.23 10.23 13.33
N VAL A 150 2.76 9.57 12.27
CA VAL A 150 2.45 8.13 12.33
C VAL A 150 3.72 7.34 12.61
N TYR A 151 4.78 7.66 11.88
CA TYR A 151 6.11 7.10 12.19
C TYR A 151 6.49 7.18 13.67
N LEU A 152 6.46 8.38 14.23
CA LEU A 152 6.81 8.58 15.64
C LEU A 152 5.93 7.76 16.54
N ASP A 153 4.65 7.66 16.22
CA ASP A 153 3.71 6.78 16.94
C ASP A 153 4.05 5.29 16.94
N VAL A 154 4.56 4.80 15.81
CA VAL A 154 4.97 3.40 15.74
C VAL A 154 6.09 3.07 16.75
N GLN A 155 7.04 3.99 16.92
CA GLN A 155 8.10 3.85 17.92
C GLN A 155 7.51 3.87 19.33
N GLU A 156 6.46 4.67 19.55
CA GLU A 156 5.79 4.68 20.87
CA GLU A 156 5.80 4.69 20.84
C GLU A 156 5.12 3.33 21.14
N LYS A 157 4.44 2.78 20.14
CA LYS A 157 3.70 1.53 20.31
C LYS A 157 4.61 0.30 20.42
N TRP A 158 5.56 0.19 19.49
CA TRP A 158 6.33 -1.06 19.34
C TRP A 158 7.84 -0.96 19.58
N GLY A 159 8.35 0.23 19.82
CA GLY A 159 9.79 0.44 19.96
C GLY A 159 10.55 0.15 18.66
N LEU A 160 9.89 0.38 17.53
CA LEU A 160 10.35 -0.09 16.22
C LEU A 160 10.67 1.09 15.33
N GLU A 161 11.94 1.18 14.90
CA GLU A 161 12.36 2.23 13.98
C GLU A 161 12.26 1.78 12.50
N ASP A 162 12.16 0.47 12.28
CA ASP A 162 12.07 -0.14 10.94
C ASP A 162 10.64 -0.16 10.42
N VAL A 163 10.35 0.81 9.55
CA VAL A 163 8.98 1.09 9.11
C VAL A 163 8.97 1.43 7.61
N MET A 164 8.08 0.75 6.91
CA MET A 164 7.87 0.99 5.46
C MET A 164 6.53 1.70 5.37
N LEU A 165 6.51 2.85 4.71
CA LEU A 165 5.26 3.58 4.56
C LEU A 165 4.96 3.61 3.07
N MET A 166 3.80 3.10 2.67
CA MET A 166 3.59 2.87 1.24
C MET A 166 2.12 2.89 0.86
N GLY A 167 1.89 3.07 -0.43
CA GLY A 167 0.54 3.05 -0.97
C GLY A 167 0.28 4.22 -1.89
N ASP A 168 -1.00 4.39 -2.25
CA ASP A 168 -1.41 5.50 -3.09
C ASP A 168 -1.45 6.81 -2.27
N PHE A 169 -0.30 7.44 -2.13
CA PHE A 169 -0.17 8.73 -1.48
C PHE A 169 -0.74 9.89 -2.28
N ASN A 170 -1.09 9.65 -3.56
CA ASN A 170 -1.47 10.71 -4.50
C ASN A 170 -0.38 11.80 -4.57
N ALA A 171 0.88 11.34 -4.56
CA ALA A 171 2.04 12.22 -4.38
C ALA A 171 2.61 12.76 -5.70
N GLY A 172 1.76 13.44 -6.48
CA GLY A 172 2.23 14.00 -7.73
C GLY A 172 1.15 14.73 -8.48
N CYS A 173 1.47 15.05 -9.74
CA CYS A 173 0.56 15.76 -10.65
C CYS A 173 -0.11 16.93 -9.91
N SER A 174 -1.43 17.09 -9.98
CA SER A 174 -2.05 18.28 -9.38
C SER A 174 -2.22 18.18 -7.88
N TYR A 175 -2.10 16.96 -7.33
CA TYR A 175 -2.36 16.76 -5.90
C TYR A 175 -1.23 17.18 -4.99
N VAL A 176 0.00 16.97 -5.44
CA VAL A 176 1.16 17.58 -4.78
C VAL A 176 1.97 18.23 -5.89
N ARG A 177 1.98 19.57 -5.91
N ARG A 177 1.98 19.57 -5.91
CA ARG A 177 2.67 20.34 -6.94
CA ARG A 177 2.66 20.34 -6.95
C ARG A 177 4.17 20.38 -6.66
C ARG A 177 4.15 20.39 -6.66
N PRO A 178 4.99 20.64 -7.69
CA PRO A 178 6.46 20.58 -7.49
C PRO A 178 6.99 21.34 -6.23
N SER A 179 6.46 22.53 -5.96
CA SER A 179 6.96 23.34 -4.86
C SER A 179 6.36 23.04 -3.47
N GLN A 180 5.39 22.14 -3.41
CA GLN A 180 4.75 21.85 -2.13
C GLN A 180 5.54 20.83 -1.30
N TRP A 181 6.59 20.26 -1.89
CA TRP A 181 7.34 19.20 -1.25
C TRP A 181 8.00 19.61 0.08
N SER A 182 8.52 20.85 0.17
CA SER A 182 9.11 21.27 1.44
CA SER A 182 9.08 21.34 1.44
C SER A 182 8.10 21.32 2.60
N SER A 183 6.81 21.25 2.28
CA SER A 183 5.74 21.26 3.27
C SER A 183 5.46 19.88 3.87
N ILE A 184 6.28 18.91 3.49
CA ILE A 184 5.99 17.51 3.83
C ILE A 184 7.12 16.94 4.67
N ARG A 185 6.88 16.82 5.98
CA ARG A 185 7.93 16.34 6.90
C ARG A 185 8.47 14.95 6.56
N LEU A 186 7.62 14.07 6.05
CA LEU A 186 8.03 12.73 5.64
C LEU A 186 9.08 12.77 4.52
N TRP A 187 9.06 13.87 3.78
CA TRP A 187 10.00 14.14 2.70
C TRP A 187 11.21 14.97 3.19
N THR A 188 10.98 16.05 3.95
CA THR A 188 12.11 16.89 4.38
C THR A 188 13.06 16.16 5.37
N SER A 189 12.52 15.27 6.21
CA SER A 189 13.33 14.57 7.22
C SER A 189 14.28 13.52 6.60
N PRO A 190 15.57 13.53 6.98
CA PRO A 190 16.48 12.51 6.51
C PRO A 190 16.23 11.16 7.14
N THR A 191 15.25 11.08 8.03
CA THR A 191 14.86 9.79 8.63
C THR A 191 14.37 8.82 7.56
N PHE A 192 13.86 9.39 6.46
CA PHE A 192 13.17 8.64 5.42
C PHE A 192 13.91 8.64 4.08
N GLN A 193 13.76 7.55 3.35
CA GLN A 193 14.39 7.37 2.06
C GLN A 193 13.22 7.09 1.16
N TRP A 194 13.05 7.93 0.13
CA TRP A 194 11.96 7.73 -0.82
C TRP A 194 12.45 6.81 -1.92
N LEU A 195 11.80 5.65 -2.05
CA LEU A 195 12.30 4.65 -2.97
C LEU A 195 11.70 4.78 -4.37
N ILE A 196 10.41 5.12 -4.48
CA ILE A 196 9.82 5.36 -5.79
C ILE A 196 10.05 6.83 -6.10
N PRO A 197 10.78 7.15 -7.19
CA PRO A 197 11.16 8.53 -7.47
C PRO A 197 10.04 9.38 -8.06
N ASP A 198 10.30 10.68 -8.12
CA ASP A 198 9.30 11.65 -8.56
C ASP A 198 8.95 11.51 -10.05
N SER A 199 9.84 10.87 -10.77
CA SER A 199 9.73 10.66 -12.23
C SER A 199 8.90 9.42 -12.59
N ALA A 200 8.49 8.64 -11.60
CA ALA A 200 7.80 7.37 -11.84
C ALA A 200 6.42 7.61 -12.42
N ASP A 201 5.97 6.67 -13.26
CA ASP A 201 4.57 6.64 -13.69
C ASP A 201 3.89 5.45 -13.01
N THR A 202 3.01 5.71 -12.05
CA THR A 202 2.30 4.59 -11.38
C THR A 202 0.80 4.53 -11.76
N THR A 203 0.43 5.21 -12.85
CA THR A 203 -0.96 5.15 -13.33
C THR A 203 -1.05 4.26 -14.56
N ALA A 204 -2.09 3.42 -14.59
CA ALA A 204 -2.37 2.56 -15.72
C ALA A 204 -3.01 3.31 -16.88
N THR A 205 -3.45 4.52 -16.60
CA THR A 205 -4.04 5.40 -17.61
C THR A 205 -2.91 6.21 -18.28
N PRO A 206 -3.24 6.97 -19.36
CA PRO A 206 -2.19 7.72 -20.06
C PRO A 206 -1.54 8.90 -19.30
N THR A 207 -2.02 9.26 -18.11
CA THR A 207 -1.32 10.28 -17.32
C THR A 207 0.04 9.74 -16.88
N HIS A 208 0.95 10.61 -16.51
CA HIS A 208 2.24 10.20 -16.01
C HIS A 208 2.40 10.79 -14.63
N CYS A 209 2.09 10.01 -13.61
CA CYS A 209 2.03 10.52 -12.23
C CYS A 209 2.67 9.56 -11.26
N ALA A 210 3.44 10.10 -10.32
CA ALA A 210 4.04 9.28 -9.28
C ALA A 210 3.16 9.24 -8.03
N TYR A 211 1.91 8.80 -8.22
CA TYR A 211 0.95 8.77 -7.11
C TYR A 211 1.33 7.80 -6.02
N ASP A 212 1.81 6.64 -6.44
CA ASP A 212 2.00 5.52 -5.53
C ASP A 212 3.46 5.49 -5.10
N ARG A 213 3.69 5.33 -3.79
CA ARG A 213 5.03 5.54 -3.22
C ARG A 213 5.42 4.45 -2.24
N ILE A 214 6.72 4.35 -1.99
CA ILE A 214 7.27 3.45 -0.98
C ILE A 214 8.40 4.22 -0.29
N VAL A 215 8.26 4.37 1.03
CA VAL A 215 9.17 5.16 1.85
C VAL A 215 9.65 4.25 2.99
N VAL A 216 10.92 4.33 3.35
CA VAL A 216 11.44 3.44 4.40
C VAL A 216 12.24 4.23 5.43
N ALA A 217 12.24 3.69 6.64
CA ALA A 217 13.01 4.29 7.73
C ALA A 217 13.57 3.17 8.63
N GLY A 218 14.64 3.50 9.39
CA GLY A 218 15.28 2.52 10.31
C GLY A 218 16.54 1.92 9.69
N MET A 219 17.55 1.67 10.53
CA MET A 219 18.85 1.17 10.09
CA MET A 219 18.84 1.18 10.06
C MET A 219 18.76 -0.17 9.36
N LEU A 220 18.16 -1.15 10.02
CA LEU A 220 18.07 -2.50 9.47
C LEU A 220 17.25 -2.57 8.19
N LEU A 221 16.08 -1.91 8.17
CA LEU A 221 15.24 -1.90 6.98
C LEU A 221 15.89 -1.18 5.79
N ARG A 222 16.40 0.03 6.01
CA ARG A 222 17.08 0.75 4.92
C ARG A 222 18.25 -0.04 4.33
N GLY A 223 18.95 -0.79 5.19
CA GLY A 223 20.08 -1.58 4.72
C GLY A 223 19.59 -2.78 3.96
N ALA A 224 18.35 -3.18 4.22
CA ALA A 224 17.81 -4.40 3.61
C ALA A 224 17.21 -4.13 2.22
N VAL A 225 16.97 -2.86 1.92
CA VAL A 225 16.40 -2.45 0.64
C VAL A 225 17.43 -2.66 -0.46
N VAL A 226 17.05 -3.35 -1.53
CA VAL A 226 17.93 -3.44 -2.71
C VAL A 226 17.83 -2.12 -3.48
N PRO A 227 18.93 -1.33 -3.50
CA PRO A 227 18.83 -0.04 -4.17
C PRO A 227 18.32 -0.21 -5.60
N ASP A 228 17.48 0.73 -6.03
CA ASP A 228 16.86 0.72 -7.37
C ASP A 228 15.95 -0.49 -7.65
N SER A 229 15.56 -1.24 -6.62
CA SER A 229 14.56 -2.31 -6.86
C SER A 229 13.12 -1.81 -6.76
N ALA A 230 12.95 -0.56 -6.35
CA ALA A 230 11.60 -0.01 -6.15
C ALA A 230 11.06 0.54 -7.45
N LEU A 231 10.00 -0.05 -7.98
CA LEU A 231 9.50 0.30 -9.32
C LEU A 231 8.04 0.05 -9.43
N PRO A 232 7.39 0.79 -10.32
CA PRO A 232 6.00 0.48 -10.62
C PRO A 232 6.03 -0.78 -11.46
N PHE A 233 5.04 -1.67 -11.27
CA PHE A 233 4.93 -2.85 -12.10
C PHE A 233 3.89 -2.56 -13.19
N ASN A 234 4.35 -2.29 -14.42
CA ASN A 234 3.41 -2.03 -15.52
C ASN A 234 2.85 -3.37 -16.04
N PHE A 235 1.72 -3.80 -15.47
CA PHE A 235 1.13 -5.09 -15.86
C PHE A 235 0.56 -5.05 -17.30
N GLN A 236 0.26 -3.85 -17.81
CA GLN A 236 -0.22 -3.76 -19.19
C GLN A 236 0.88 -4.22 -20.16
N ALA A 237 2.07 -3.64 -20.04
CA ALA A 237 3.20 -4.05 -20.86
C ALA A 237 3.62 -5.49 -20.55
N ALA A 238 3.71 -5.81 -19.26
CA ALA A 238 4.19 -7.12 -18.85
C ALA A 238 3.37 -8.27 -19.45
N TYR A 239 2.07 -8.11 -19.57
CA TYR A 239 1.17 -9.17 -20.01
C TYR A 239 0.62 -8.92 -21.42
N GLY A 240 1.11 -7.87 -22.06
CA GLY A 240 0.69 -7.52 -23.42
C GLY A 240 -0.78 -7.21 -23.57
N LEU A 241 -1.36 -6.52 -22.58
CA LEU A 241 -2.80 -6.19 -22.61
C LEU A 241 -3.19 -4.98 -23.45
N SER A 242 -4.44 -4.95 -23.91
CA SER A 242 -5.03 -3.72 -24.48
C SER A 242 -5.17 -2.65 -23.40
N ASP A 243 -5.37 -1.38 -23.80
CA ASP A 243 -5.58 -0.30 -22.83
C ASP A 243 -6.82 -0.57 -22.02
N GLN A 244 -7.89 -0.99 -22.72
CA GLN A 244 -9.21 -1.32 -22.13
CA GLN A 244 -9.17 -1.25 -22.11
C GLN A 244 -9.07 -2.30 -20.99
N LEU A 245 -8.44 -3.43 -21.26
CA LEU A 245 -8.36 -4.52 -20.28
C LEU A 245 -7.52 -4.09 -19.10
N ALA A 246 -6.37 -3.46 -19.37
CA ALA A 246 -5.47 -2.99 -18.34
C ALA A 246 -6.19 -2.07 -17.35
N GLN A 247 -6.91 -1.11 -17.90
CA GLN A 247 -7.59 -0.10 -17.11
C GLN A 247 -8.81 -0.67 -16.38
N ALA A 248 -9.36 -1.76 -16.91
CA ALA A 248 -10.42 -2.47 -16.21
C ALA A 248 -9.90 -3.21 -14.98
N ILE A 249 -8.63 -3.61 -15.00
CA ILE A 249 -7.98 -4.19 -13.82
C ILE A 249 -7.79 -3.09 -12.76
N SER A 250 -7.18 -1.96 -13.15
CA SER A 250 -7.08 -0.81 -12.23
C SER A 250 -6.55 0.40 -12.95
N ASP A 251 -6.80 1.58 -12.41
CA ASP A 251 -6.17 2.77 -12.97
C ASP A 251 -4.76 3.00 -12.43
N HIS A 252 -4.30 2.11 -11.55
CA HIS A 252 -2.96 2.24 -10.98
C HIS A 252 -2.12 1.03 -11.28
N TYR A 253 -0.81 1.19 -11.32
CA TYR A 253 0.09 0.05 -11.27
C TYR A 253 0.48 -0.20 -9.80
N PRO A 254 0.74 -1.47 -9.44
CA PRO A 254 1.39 -1.72 -8.16
C PRO A 254 2.78 -1.07 -8.14
N VAL A 255 3.27 -0.75 -6.94
CA VAL A 255 4.67 -0.37 -6.76
C VAL A 255 5.26 -1.47 -5.90
N GLU A 256 6.42 -1.98 -6.30
CA GLU A 256 7.01 -3.14 -5.66
C GLU A 256 8.43 -2.80 -5.27
N VAL A 257 9.04 -3.62 -4.42
CA VAL A 257 10.41 -3.38 -3.99
C VAL A 257 10.94 -4.74 -3.52
N MET A 258 12.25 -4.91 -3.51
CA MET A 258 12.86 -6.13 -2.98
C MET A 258 13.67 -5.80 -1.72
N LEU A 259 13.49 -6.64 -0.71
CA LEU A 259 14.33 -6.60 0.50
C LEU A 259 15.29 -7.81 0.47
N LYS A 260 16.54 -7.59 0.82
CA LYS A 260 17.51 -8.70 0.89
C LYS A 260 17.60 -9.26 2.30
#